data_1K7A
#
_entry.id   1K7A
#
_cell.length_a   94.040
_cell.length_b   75.270
_cell.length_c   79.430
_cell.angle_alpha   90.00
_cell.angle_beta   118.28
_cell.angle_gamma   90.00
#
_symmetry.space_group_name_H-M   'C 1 2 1'
#
loop_
_entity.id
_entity.type
_entity.pdbx_description
1 polymer "DNA (5'-D(*TP*AP*GP*TP*GP*CP*CP*GP*GP*AP*GP*AP*TP*GP*T)-3')"
2 polymer "DNA (5'-D(*CP*AP*CP*AP*TP*CP*TP*CP*CP*GP*GP*CP*AP*CP*T)-3')"
3 polymer 'C-ets-1 Protein'
#
loop_
_entity_poly.entity_id
_entity_poly.type
_entity_poly.pdbx_seq_one_letter_code
_entity_poly.pdbx_strand_id
1 'polydeoxyribonucleotide' (DT)(DA)(DG)(DT)(DG)(DC)(DC)(DG)(DG)(DA)(DG)(DA)(DT)(DG)(DT) B,E
2 'polydeoxyribonucleotide' (DC)(DA)(DC)(DA)(DT)(DC)(DT)(DC)(DC)(DG)(DG)(DC)(DA)(DC)(DT) C,F
3 'polypeptide(L)'
;GSGPIQLWQFLLELLTDKSCQSFISWTGDGWEFKLSDPDEVARRWGKRKNKPKMNYEKLSRGLRYYYDKNIIHKTAGKRY
VYRFVCDLQSLLGYTPEELHAMLDVKPDAD
;
A,D
#
loop_
_chem_comp.id
_chem_comp.type
_chem_comp.name
_chem_comp.formula
DA DNA linking 2'-DEOXYADENOSINE-5'-MONOPHOSPHATE 'C10 H14 N5 O6 P'
DC DNA linking 2'-DEOXYCYTIDINE-5'-MONOPHOSPHATE 'C9 H14 N3 O7 P'
DG DNA linking 2'-DEOXYGUANOSINE-5'-MONOPHOSPHATE 'C10 H14 N5 O7 P'
DT DNA linking THYMIDINE-5'-MONOPHOSPHATE 'C10 H15 N2 O8 P'
#
# COMPACT_ATOMS: atom_id res chain seq x y z
N GLY E 3 1.90 2.30 -22.36
CA GLY E 3 3.40 2.69 -22.53
C GLY E 3 4.25 1.69 -23.37
N PRO E 4 4.14 0.46 -22.98
CA PRO E 4 4.65 -0.82 -23.43
C PRO E 4 3.24 -1.40 -23.72
N ILE E 5 2.85 -1.24 -24.99
CA ILE E 5 1.52 -1.61 -25.46
C ILE E 5 0.84 -2.82 -24.89
N GLN E 6 -0.45 -2.71 -24.58
CA GLN E 6 -1.21 -3.83 -24.01
C GLN E 6 -1.74 -4.79 -25.09
N LEU E 7 -1.99 -6.04 -24.71
CA LEU E 7 -2.47 -7.07 -25.65
C LEU E 7 -3.75 -6.72 -26.42
N TRP E 8 -4.77 -6.24 -25.72
CA TRP E 8 -6.01 -5.89 -26.39
C TRP E 8 -5.82 -4.70 -27.32
N GLN E 9 -4.81 -3.89 -27.04
CA GLN E 9 -4.54 -2.75 -27.89
C GLN E 9 -3.77 -3.24 -29.11
N PHE E 10 -2.91 -4.23 -28.88
CA PHE E 10 -2.11 -4.83 -29.94
C PHE E 10 -3.02 -5.49 -30.98
N LEU E 11 -3.98 -6.26 -30.51
CA LEU E 11 -4.93 -6.95 -31.36
C LEU E 11 -5.67 -5.94 -32.25
N LEU E 12 -6.19 -4.88 -31.63
CA LEU E 12 -6.90 -3.82 -32.36
C LEU E 12 -6.00 -3.26 -33.45
N GLU E 13 -4.72 -3.09 -33.11
CA GLU E 13 -3.74 -2.56 -34.06
C GLU E 13 -3.67 -3.44 -35.31
N LEU E 14 -3.72 -4.76 -35.10
CA LEU E 14 -3.68 -5.74 -36.18
C LEU E 14 -5.02 -5.79 -36.90
N LEU E 15 -6.09 -5.79 -36.12
CA LEU E 15 -7.43 -5.83 -36.66
C LEU E 15 -7.79 -4.65 -37.53
N THR E 16 -6.94 -3.63 -37.55
CA THR E 16 -7.24 -2.45 -38.35
C THR E 16 -6.21 -2.25 -39.43
N ASP E 17 -5.44 -3.31 -39.69
CA ASP E 17 -4.45 -3.29 -40.75
C ASP E 17 -4.74 -4.42 -41.76
N LYS E 18 -5.22 -4.04 -42.94
CA LYS E 18 -5.51 -5.03 -43.97
C LYS E 18 -4.43 -6.09 -44.14
N SER E 19 -3.17 -5.66 -44.26
CA SER E 19 -2.09 -6.61 -44.46
C SER E 19 -1.91 -7.63 -43.32
N CYS E 20 -2.85 -7.69 -42.39
CA CYS E 20 -2.77 -8.65 -41.29
C CYS E 20 -4.00 -9.55 -41.29
N GLN E 21 -4.88 -9.32 -42.26
CA GLN E 21 -6.11 -10.09 -42.37
C GLN E 21 -5.87 -11.58 -42.55
N SER E 22 -4.69 -11.93 -43.03
CA SER E 22 -4.34 -13.32 -43.24
C SER E 22 -4.41 -14.15 -41.95
N PHE E 23 -3.92 -13.59 -40.84
CA PHE E 23 -3.90 -14.31 -39.56
C PHE E 23 -4.85 -13.88 -38.46
N ILE E 24 -5.54 -12.74 -38.62
CA ILE E 24 -6.48 -12.25 -37.60
C ILE E 24 -7.48 -11.36 -38.37
N SER E 25 -8.75 -11.35 -37.98
CA SER E 25 -9.72 -10.54 -38.73
C SER E 25 -11.08 -10.43 -38.08
N TRP E 26 -11.91 -9.55 -38.62
CA TRP E 26 -13.25 -9.37 -38.07
C TRP E 26 -14.15 -10.44 -38.69
N THR E 27 -15.04 -11.02 -37.88
CA THR E 27 -15.95 -12.04 -38.40
C THR E 27 -17.19 -11.43 -39.04
N GLY E 28 -17.23 -10.10 -39.12
CA GLY E 28 -18.38 -9.45 -39.72
C GLY E 28 -19.51 -9.25 -38.73
N ASP E 29 -19.54 -10.05 -37.67
CA ASP E 29 -20.58 -9.89 -36.67
C ASP E 29 -20.14 -8.94 -35.54
N GLY E 30 -20.40 -7.64 -35.70
CA GLY E 30 -20.00 -6.70 -34.68
C GLY E 30 -18.50 -6.65 -34.43
N TRP E 31 -18.11 -6.65 -33.15
CA TRP E 31 -16.69 -6.58 -32.76
C TRP E 31 -16.02 -7.96 -32.57
N GLU E 32 -16.76 -9.03 -32.85
CA GLU E 32 -16.23 -10.38 -32.73
C GLU E 32 -15.17 -10.63 -33.80
N PHE E 33 -14.02 -11.16 -33.38
CA PHE E 33 -12.92 -11.41 -34.29
C PHE E 33 -12.36 -12.84 -34.14
N LYS E 34 -11.54 -13.24 -35.09
CA LYS E 34 -10.95 -14.56 -35.10
C LYS E 34 -9.46 -14.54 -35.40
N LEU E 35 -8.68 -15.23 -34.57
CA LEU E 35 -7.26 -15.33 -34.83
C LEU E 35 -7.18 -16.54 -35.74
N SER E 36 -7.33 -16.35 -37.05
CA SER E 36 -7.30 -17.47 -37.99
C SER E 36 -5.99 -18.25 -37.87
N ASP E 37 -4.91 -17.54 -37.57
CA ASP E 37 -3.60 -18.18 -37.42
C ASP E 37 -3.02 -17.77 -36.06
N PRO E 38 -3.60 -18.30 -34.97
CA PRO E 38 -3.11 -17.94 -33.64
C PRO E 38 -1.60 -17.96 -33.49
N ASP E 39 -0.94 -18.92 -34.12
CA ASP E 39 0.50 -18.96 -34.01
C ASP E 39 1.16 -17.71 -34.56
N GLU E 40 0.67 -17.19 -35.69
CA GLU E 40 1.26 -15.99 -36.27
C GLU E 40 0.99 -14.76 -35.43
N VAL E 41 -0.21 -14.70 -34.83
CA VAL E 41 -0.58 -13.58 -33.97
C VAL E 41 0.40 -13.60 -32.78
N ALA E 42 0.44 -14.75 -32.08
CA ALA E 42 1.33 -14.96 -30.94
C ALA E 42 2.80 -14.72 -31.30
N ARG E 43 3.17 -14.97 -32.53
CA ARG E 43 4.55 -14.77 -32.94
C ARG E 43 4.81 -13.27 -32.92
N ARG E 44 3.90 -12.52 -33.56
CA ARG E 44 4.04 -11.07 -33.64
C ARG E 44 3.88 -10.43 -32.28
N TRP E 45 3.02 -11.01 -31.46
CA TRP E 45 2.82 -10.49 -30.13
C TRP E 45 4.17 -10.63 -29.46
N GLY E 46 4.74 -11.82 -29.58
CA GLY E 46 6.03 -12.12 -29.00
C GLY E 46 7.12 -11.16 -29.38
N LYS E 47 7.21 -10.77 -30.65
CA LYS E 47 8.26 -9.85 -31.06
C LYS E 47 8.03 -8.46 -30.48
N ARG E 48 6.77 -8.03 -30.45
CA ARG E 48 6.43 -6.71 -29.91
C ARG E 48 6.94 -6.57 -28.47
N LYS E 49 6.50 -7.47 -27.60
CA LYS E 49 6.89 -7.46 -26.20
C LYS E 49 8.23 -8.12 -25.96
N ASN E 50 8.94 -8.49 -27.03
CA ASN E 50 10.22 -9.16 -26.86
C ASN E 50 10.08 -10.38 -25.95
N LYS E 51 9.41 -11.41 -26.44
CA LYS E 51 9.23 -12.65 -25.68
C LYS E 51 9.34 -13.81 -26.67
N PRO E 52 10.58 -14.28 -26.91
CA PRO E 52 10.93 -15.37 -27.83
C PRO E 52 10.15 -16.66 -27.64
N LYS E 53 9.68 -16.92 -26.42
CA LYS E 53 8.93 -18.14 -26.14
C LYS E 53 7.42 -17.90 -26.11
N MET E 54 6.94 -16.79 -26.64
CA MET E 54 5.50 -16.55 -26.60
C MET E 54 4.83 -17.50 -27.61
N ASN E 55 3.61 -17.93 -27.28
CA ASN E 55 2.84 -18.84 -28.12
C ASN E 55 1.36 -18.53 -27.87
N TYR E 56 0.44 -19.23 -28.55
CA TYR E 56 -0.98 -18.96 -28.32
C TYR E 56 -1.50 -19.41 -26.97
N GLU E 57 -0.92 -20.49 -26.45
CA GLU E 57 -1.31 -21.00 -25.13
C GLU E 57 -1.21 -19.87 -24.10
N LYS E 58 -0.06 -19.20 -24.09
CA LYS E 58 0.16 -18.09 -23.18
C LYS E 58 -0.73 -16.90 -23.57
N LEU E 59 -0.55 -16.40 -24.80
CA LEU E 59 -1.35 -15.29 -25.31
C LEU E 59 -2.84 -15.38 -24.96
N SER E 60 -3.39 -16.58 -24.99
CA SER E 60 -4.81 -16.73 -24.65
C SER E 60 -5.08 -16.54 -23.17
N ARG E 61 -4.05 -16.75 -22.34
CA ARG E 61 -4.17 -16.55 -20.90
C ARG E 61 -4.34 -15.05 -20.69
N GLY E 62 -3.63 -14.28 -21.52
CA GLY E 62 -3.75 -12.84 -21.45
C GLY E 62 -5.18 -12.46 -21.75
N LEU E 63 -5.76 -13.11 -22.76
CA LEU E 63 -7.12 -12.84 -23.16
C LEU E 63 -8.16 -13.22 -22.12
N ARG E 64 -7.96 -14.33 -21.43
CA ARG E 64 -8.94 -14.74 -20.43
C ARG E 64 -8.92 -13.78 -19.23
N TYR E 65 -7.82 -13.03 -19.09
CA TYR E 65 -7.71 -12.03 -18.03
C TYR E 65 -8.72 -10.92 -18.33
N TYR E 66 -8.99 -10.72 -19.62
CA TYR E 66 -9.93 -9.68 -20.04
C TYR E 66 -11.40 -10.00 -19.84
N TYR E 67 -11.73 -11.23 -19.47
CA TYR E 67 -13.14 -11.55 -19.29
C TYR E 67 -13.80 -10.76 -18.17
N ASP E 68 -13.21 -10.74 -16.98
CA ASP E 68 -13.81 -9.98 -15.89
C ASP E 68 -13.65 -8.49 -16.20
N LYS E 69 -12.54 -8.13 -16.86
CA LYS E 69 -12.29 -6.75 -17.21
C LYS E 69 -13.26 -6.31 -18.29
N ASN E 70 -14.10 -7.24 -18.74
CA ASN E 70 -15.07 -6.96 -19.77
C ASN E 70 -14.48 -6.18 -20.94
N ILE E 71 -13.27 -6.55 -21.35
CA ILE E 71 -12.65 -5.90 -22.48
C ILE E 71 -12.88 -6.77 -23.69
N ILE E 72 -12.62 -8.05 -23.52
CA ILE E 72 -12.82 -9.00 -24.59
C ILE E 72 -13.49 -10.21 -23.98
N HIS E 73 -14.40 -10.81 -24.73
CA HIS E 73 -15.12 -11.98 -24.28
C HIS E 73 -14.84 -13.10 -25.26
N LYS E 74 -15.08 -14.33 -24.83
CA LYS E 74 -14.84 -15.49 -25.68
C LYS E 74 -16.13 -15.88 -26.39
N THR E 75 -16.04 -16.17 -27.69
CA THR E 75 -17.22 -16.63 -28.42
C THR E 75 -17.25 -18.14 -28.18
N ALA E 76 -18.14 -18.58 -27.29
CA ALA E 76 -18.22 -20.00 -26.98
C ALA E 76 -18.60 -20.84 -28.21
N GLY E 77 -17.82 -21.88 -28.47
CA GLY E 77 -18.13 -22.74 -29.59
C GLY E 77 -17.32 -22.57 -30.84
N LYS E 78 -16.82 -21.36 -31.12
CA LYS E 78 -16.02 -21.14 -32.31
C LYS E 78 -14.55 -21.05 -31.91
N ARG E 79 -13.72 -21.92 -32.47
CA ARG E 79 -12.32 -21.91 -32.11
C ARG E 79 -11.52 -20.70 -32.62
N TYR E 80 -10.77 -20.10 -31.70
CA TYR E 80 -9.93 -18.91 -31.94
C TYR E 80 -10.75 -17.65 -32.13
N VAL E 81 -12.01 -17.71 -31.71
CA VAL E 81 -12.90 -16.59 -31.85
C VAL E 81 -13.23 -15.94 -30.52
N TYR E 82 -13.12 -14.61 -30.51
CA TYR E 82 -13.40 -13.81 -29.34
C TYR E 82 -14.14 -12.54 -29.78
N ARG E 83 -14.56 -11.72 -28.82
CA ARG E 83 -15.29 -10.52 -29.18
C ARG E 83 -15.08 -9.36 -28.20
N PHE E 84 -14.75 -8.19 -28.74
CA PHE E 84 -14.60 -7.01 -27.91
C PHE E 84 -15.99 -6.63 -27.38
N VAL E 85 -16.15 -6.62 -26.06
CA VAL E 85 -17.43 -6.27 -25.45
C VAL E 85 -17.46 -4.83 -24.87
N CYS E 86 -16.38 -4.08 -25.09
CA CYS E 86 -16.29 -2.70 -24.58
C CYS E 86 -16.64 -1.70 -25.67
N ASP E 87 -16.95 -0.46 -25.25
CA ASP E 87 -17.34 0.59 -26.18
C ASP E 87 -16.26 0.95 -27.21
N LEU E 88 -16.08 0.09 -28.21
CA LEU E 88 -15.09 0.34 -29.25
C LEU E 88 -15.53 1.39 -30.23
N GLN E 89 -16.84 1.68 -30.22
CA GLN E 89 -17.41 2.68 -31.11
C GLN E 89 -16.91 4.07 -30.69
N SER E 90 -16.96 4.32 -29.38
CA SER E 90 -16.50 5.58 -28.81
C SER E 90 -14.98 5.68 -28.85
N LEU E 91 -14.31 4.56 -28.61
CA LEU E 91 -12.86 4.54 -28.63
C LEU E 91 -12.27 4.79 -30.01
N LEU E 92 -12.77 4.05 -31.00
CA LEU E 92 -12.29 4.16 -32.38
C LEU E 92 -13.01 5.23 -33.17
N GLY E 93 -14.27 5.46 -32.84
CA GLY E 93 -15.04 6.47 -33.54
C GLY E 93 -15.79 5.90 -34.72
N TYR E 94 -15.64 4.61 -34.93
CA TYR E 94 -16.33 3.95 -36.03
C TYR E 94 -17.33 2.95 -35.46
N THR E 95 -18.31 2.64 -36.26
CA THR E 95 -19.22 1.57 -35.95
C THR E 95 -18.75 0.25 -36.54
N PRO E 96 -19.10 -0.87 -36.08
CA PRO E 96 -18.59 -2.12 -36.66
C PRO E 96 -18.75 -2.07 -38.18
N GLU E 97 -19.96 -1.71 -38.63
CA GLU E 97 -20.27 -1.61 -40.06
C GLU E 97 -19.30 -0.70 -40.79
N GLU E 98 -19.07 0.47 -40.23
CA GLU E 98 -18.17 1.44 -40.84
C GLU E 98 -16.76 0.91 -40.98
N LEU E 99 -16.23 0.33 -39.91
CA LEU E 99 -14.88 -0.22 -39.93
C LEU E 99 -14.79 -1.41 -40.88
N HIS E 100 -15.73 -2.35 -40.75
CA HIS E 100 -15.74 -3.51 -41.63
C HIS E 100 -15.65 -3.00 -43.07
N ALA E 101 -16.55 -2.08 -43.41
CA ALA E 101 -16.59 -1.52 -44.76
C ALA E 101 -15.22 -1.02 -45.15
N MET E 102 -14.70 -0.10 -44.34
CA MET E 102 -13.39 0.47 -44.58
C MET E 102 -12.32 -0.60 -44.77
N LEU E 103 -12.42 -1.70 -44.04
CA LEU E 103 -11.45 -2.78 -44.11
C LEU E 103 -11.75 -3.85 -45.17
N ASP E 104 -12.96 -3.82 -45.74
CA ASP E 104 -13.38 -4.78 -46.76
C ASP E 104 -13.56 -6.17 -46.16
N VAL E 105 -14.26 -6.22 -45.03
CA VAL E 105 -14.49 -7.48 -44.35
C VAL E 105 -15.63 -8.27 -44.97
N LYS E 106 -15.41 -9.57 -45.19
CA LYS E 106 -16.41 -10.44 -45.78
C LYS E 106 -16.87 -11.56 -44.84
N GLY F 3 27.43 15.64 34.89
CA GLY F 3 26.08 15.15 35.30
C GLY F 3 25.09 15.01 34.12
N PRO F 4 25.10 13.86 33.42
CA PRO F 4 24.21 13.59 32.26
C PRO F 4 22.81 13.13 32.66
N ILE F 5 21.79 13.82 32.13
CA ILE F 5 20.38 13.51 32.43
C ILE F 5 20.09 12.01 32.32
N GLN F 6 19.34 11.50 33.28
CA GLN F 6 18.98 10.10 33.29
C GLN F 6 17.60 9.89 32.70
N LEU F 7 17.42 8.76 32.02
CA LEU F 7 16.14 8.48 31.40
C LEU F 7 14.92 8.85 32.25
N TRP F 8 14.89 8.43 33.50
CA TRP F 8 13.72 8.73 34.33
C TRP F 8 13.48 10.21 34.56
N GLN F 9 14.55 11.01 34.49
CA GLN F 9 14.44 12.45 34.70
C GLN F 9 13.93 13.11 33.43
N PHE F 10 14.52 12.73 32.31
CA PHE F 10 14.14 13.24 31.00
C PHE F 10 12.64 13.01 30.78
N LEU F 11 12.15 11.88 31.27
CA LEU F 11 10.74 11.55 31.13
C LEU F 11 9.90 12.47 32.01
N LEU F 12 10.51 12.97 33.07
CA LEU F 12 9.83 13.87 34.00
C LEU F 12 9.81 15.23 33.30
N GLU F 13 10.85 15.48 32.51
CA GLU F 13 10.95 16.72 31.77
C GLU F 13 9.81 16.77 30.74
N LEU F 14 9.61 15.67 30.00
CA LEU F 14 8.56 15.61 28.98
C LEU F 14 7.15 15.61 29.55
N LEU F 15 6.97 15.01 30.72
CA LEU F 15 5.66 14.91 31.35
C LEU F 15 5.23 16.14 32.14
N THR F 16 6.09 17.14 32.20
CA THR F 16 5.75 18.37 32.92
C THR F 16 5.63 19.52 31.93
N ASP F 17 5.93 19.23 30.68
CA ASP F 17 5.84 20.22 29.62
C ASP F 17 4.63 19.92 28.75
N LYS F 18 3.53 20.65 28.97
CA LYS F 18 2.29 20.47 28.20
C LYS F 18 2.44 20.28 26.69
N SER F 19 3.39 20.98 26.07
CA SER F 19 3.61 20.88 24.63
C SER F 19 4.25 19.55 24.21
N CYS F 20 4.10 18.53 25.04
CA CYS F 20 4.68 17.21 24.73
C CYS F 20 3.65 16.13 24.97
N GLN F 21 2.45 16.55 25.37
CA GLN F 21 1.36 15.63 25.66
C GLN F 21 0.96 14.85 24.38
N SER F 22 1.50 15.27 23.25
CA SER F 22 1.22 14.64 21.98
C SER F 22 1.98 13.35 21.73
N PHE F 23 3.02 13.09 22.49
CA PHE F 23 3.74 11.84 22.30
C PHE F 23 3.99 11.11 23.60
N ILE F 24 3.71 11.76 24.72
CA ILE F 24 3.83 11.16 26.05
C ILE F 24 2.99 11.97 27.03
N SER F 25 2.29 11.32 27.95
CA SER F 25 1.45 12.05 28.87
C SER F 25 0.96 11.25 30.08
N TRP F 26 0.37 11.94 31.06
CA TRP F 26 -0.13 11.28 32.26
C TRP F 26 -1.46 10.58 31.99
N THR F 27 -1.64 9.43 32.63
CA THR F 27 -2.86 8.64 32.50
C THR F 27 -4.04 9.27 33.25
N GLY F 28 -3.77 9.94 34.36
CA GLY F 28 -4.84 10.52 35.14
C GLY F 28 -4.92 9.77 36.45
N ASP F 29 -4.24 8.63 36.50
CA ASP F 29 -4.19 7.80 37.70
C ASP F 29 -2.83 7.96 38.38
N GLY F 30 -2.77 8.75 39.46
CA GLY F 30 -1.52 8.93 40.17
C GLY F 30 -0.38 9.23 39.20
N TRP F 31 0.77 8.58 39.39
CA TRP F 31 1.92 8.82 38.53
C TRP F 31 2.04 7.92 37.29
N GLU F 32 0.97 7.23 36.92
CA GLU F 32 1.01 6.37 35.74
C GLU F 32 1.01 7.23 34.47
N PHE F 33 1.89 6.92 33.53
CA PHE F 33 1.95 7.66 32.29
C PHE F 33 1.95 6.71 31.08
N LYS F 34 2.05 7.27 29.86
CA LYS F 34 2.04 6.44 28.67
C LYS F 34 2.75 7.07 27.49
N LEU F 35 3.72 6.35 26.93
CA LEU F 35 4.43 6.88 25.77
C LEU F 35 3.48 6.65 24.59
N SER F 36 2.60 7.63 24.37
CA SER F 36 1.63 7.57 23.28
C SER F 36 2.32 7.20 21.99
N ASP F 37 3.39 7.91 21.68
CA ASP F 37 4.19 7.68 20.48
C ASP F 37 5.58 7.32 20.98
N PRO F 38 5.77 6.06 21.41
CA PRO F 38 7.09 5.64 21.90
C PRO F 38 8.22 5.96 20.94
N ASP F 39 7.91 5.99 19.65
CA ASP F 39 8.93 6.27 18.65
C ASP F 39 9.40 7.72 18.71
N GLU F 40 8.50 8.60 19.12
CA GLU F 40 8.83 10.01 19.23
C GLU F 40 9.70 10.18 20.49
N VAL F 41 9.19 9.67 21.61
CA VAL F 41 9.88 9.73 22.89
C VAL F 41 11.30 9.22 22.79
N ALA F 42 11.45 8.05 22.18
CA ALA F 42 12.76 7.42 22.02
C ALA F 42 13.63 8.29 21.15
N ARG F 43 13.02 8.94 20.17
CA ARG F 43 13.76 9.80 19.26
C ARG F 43 14.33 10.98 20.02
N ARG F 44 13.48 11.59 20.84
CA ARG F 44 13.91 12.73 21.62
C ARG F 44 14.94 12.31 22.65
N TRP F 45 14.82 11.09 23.14
CA TRP F 45 15.76 10.55 24.11
C TRP F 45 17.14 10.41 23.49
N GLY F 46 17.18 9.80 22.31
CA GLY F 46 18.46 9.60 21.64
C GLY F 46 19.10 10.90 21.22
N LYS F 47 18.26 11.90 20.94
CA LYS F 47 18.76 13.20 20.54
C LYS F 47 19.56 13.75 21.73
N ARG F 48 18.90 13.77 22.89
CA ARG F 48 19.51 14.26 24.13
C ARG F 48 20.81 13.54 24.49
N LYS F 49 20.77 12.22 24.50
CA LYS F 49 21.94 11.44 24.85
C LYS F 49 22.86 11.30 23.66
N ASN F 50 22.46 11.93 22.55
CA ASN F 50 23.26 11.89 21.34
C ASN F 50 23.48 10.43 20.91
N LYS F 51 22.38 9.69 20.84
CA LYS F 51 22.38 8.29 20.40
C LYS F 51 21.36 8.20 19.30
N PRO F 52 21.79 8.53 18.07
CA PRO F 52 20.96 8.51 16.86
C PRO F 52 20.14 7.25 16.66
N LYS F 53 20.78 6.10 16.87
CA LYS F 53 20.12 4.80 16.69
C LYS F 53 19.20 4.38 17.82
N MET F 54 18.82 5.32 18.70
CA MET F 54 17.95 4.98 19.82
C MET F 54 16.54 4.71 19.34
N ASN F 55 15.83 3.83 20.06
CA ASN F 55 14.45 3.47 19.73
C ASN F 55 13.78 2.86 20.95
N TYR F 56 12.46 2.73 20.90
CA TYR F 56 11.73 2.20 22.05
C TYR F 56 12.27 0.90 22.65
N GLU F 57 12.68 -0.05 21.82
CA GLU F 57 13.22 -1.30 22.36
C GLU F 57 14.37 -1.00 23.31
N LYS F 58 15.29 -0.13 22.88
CA LYS F 58 16.42 0.24 23.72
C LYS F 58 15.97 1.06 24.93
N LEU F 59 15.24 2.13 24.67
CA LEU F 59 14.77 2.98 25.74
C LEU F 59 14.01 2.16 26.78
N SER F 60 13.18 1.24 26.32
CA SER F 60 12.39 0.40 27.23
C SER F 60 13.27 -0.44 28.17
N ARG F 61 14.37 -0.98 27.65
CA ARG F 61 15.26 -1.78 28.48
C ARG F 61 15.71 -0.87 29.59
N GLY F 62 16.00 0.38 29.22
CA GLY F 62 16.41 1.39 30.18
C GLY F 62 15.38 1.41 31.29
N LEU F 63 14.12 1.59 30.91
CA LEU F 63 13.02 1.61 31.86
C LEU F 63 12.87 0.31 32.66
N ARG F 64 13.44 -0.78 32.19
CA ARG F 64 13.29 -2.01 32.95
C ARG F 64 14.27 -2.13 34.09
N TYR F 65 15.40 -1.43 33.98
CA TYR F 65 16.42 -1.41 35.03
C TYR F 65 15.79 -0.72 36.25
N TYR F 66 14.83 0.16 35.99
CA TYR F 66 14.19 0.91 37.06
C TYR F 66 13.24 0.14 37.93
N TYR F 67 12.83 -1.04 37.49
CA TYR F 67 11.88 -1.82 38.27
C TYR F 67 12.40 -2.14 39.67
N ASP F 68 13.58 -2.73 39.75
CA ASP F 68 14.17 -3.09 41.03
C ASP F 68 14.56 -1.87 41.82
N LYS F 69 15.03 -0.85 41.12
CA LYS F 69 15.45 0.41 41.74
C LYS F 69 14.21 1.16 42.22
N ASN F 70 13.04 0.64 41.83
CA ASN F 70 11.75 1.22 42.21
C ASN F 70 11.53 2.70 41.85
N ILE F 71 11.98 3.08 40.66
CA ILE F 71 11.81 4.42 40.15
C ILE F 71 10.50 4.37 39.37
N ILE F 72 10.47 3.49 38.39
CA ILE F 72 9.31 3.33 37.54
C ILE F 72 8.94 1.86 37.42
N HIS F 73 7.64 1.57 37.44
CA HIS F 73 7.15 0.20 37.29
C HIS F 73 6.36 0.10 35.99
N LYS F 74 6.05 -1.12 35.59
CA LYS F 74 5.31 -1.36 34.37
C LYS F 74 3.88 -1.65 34.77
N THR F 75 2.93 -1.08 34.02
CA THR F 75 1.53 -1.38 34.29
C THR F 75 1.25 -2.55 33.36
N ALA F 76 1.11 -3.72 34.00
CA ALA F 76 0.88 -4.98 33.30
C ALA F 76 -0.34 -4.96 32.41
N GLY F 77 -0.14 -5.41 31.17
CA GLY F 77 -1.24 -5.49 30.23
C GLY F 77 -1.70 -4.22 29.52
N LYS F 78 -1.06 -3.09 29.81
CA LYS F 78 -1.40 -1.82 29.18
C LYS F 78 -0.23 -1.39 28.30
N ARG F 79 -0.39 -1.55 27.00
CA ARG F 79 0.67 -1.23 26.07
C ARG F 79 1.32 0.16 26.24
N TYR F 80 2.63 0.16 26.52
CA TYR F 80 3.41 1.39 26.67
C TYR F 80 3.12 2.17 27.94
N VAL F 81 2.38 1.58 28.87
CA VAL F 81 2.03 2.27 30.10
C VAL F 81 2.93 1.93 31.28
N TYR F 82 3.51 2.95 31.88
CA TYR F 82 4.38 2.77 33.04
C TYR F 82 3.86 3.54 34.25
N ARG F 83 4.58 3.49 35.35
CA ARG F 83 4.12 4.22 36.53
C ARG F 83 5.25 4.55 37.49
N PHE F 84 5.35 5.85 37.82
CA PHE F 84 6.39 6.32 38.74
C PHE F 84 6.01 5.82 40.11
N VAL F 85 6.92 5.14 40.79
CA VAL F 85 6.57 4.62 42.11
C VAL F 85 7.38 5.22 43.25
N CYS F 86 8.21 6.22 42.94
CA CYS F 86 8.98 6.89 43.97
C CYS F 86 8.13 8.02 44.51
N ASP F 87 8.65 8.76 45.48
CA ASP F 87 7.92 9.86 46.08
C ASP F 87 8.04 11.14 45.26
N LEU F 88 7.28 11.19 44.18
CA LEU F 88 7.28 12.33 43.27
C LEU F 88 6.65 13.58 43.89
N GLN F 89 5.66 13.39 44.77
CA GLN F 89 5.02 14.52 45.40
C GLN F 89 6.07 15.33 46.18
N SER F 90 6.97 14.63 46.86
CA SER F 90 8.01 15.30 47.61
C SER F 90 9.10 15.77 46.67
N LEU F 91 9.38 15.02 45.61
CA LEU F 91 10.43 15.40 44.68
C LEU F 91 10.03 16.56 43.79
N LEU F 92 8.73 16.72 43.55
CA LEU F 92 8.24 17.80 42.70
C LEU F 92 7.51 18.86 43.50
N GLY F 93 6.77 18.44 44.52
CA GLY F 93 6.02 19.38 45.32
C GLY F 93 4.56 19.40 44.94
N TYR F 94 4.15 18.46 44.11
CA TYR F 94 2.76 18.40 43.70
C TYR F 94 2.12 17.05 43.95
N THR F 95 0.83 17.09 44.23
CA THR F 95 0.06 15.86 44.26
C THR F 95 -0.28 15.41 42.85
N PRO F 96 -0.64 14.23 42.59
CA PRO F 96 -0.94 13.92 41.19
C PRO F 96 -2.04 14.87 40.69
N GLU F 97 -3.10 15.00 41.49
CA GLU F 97 -4.22 15.88 41.17
C GLU F 97 -3.74 17.28 40.79
N GLU F 98 -2.94 17.85 41.68
CA GLU F 98 -2.40 19.16 41.46
C GLU F 98 -1.64 19.28 40.14
N LEU F 99 -0.72 18.36 39.88
CA LEU F 99 0.06 18.42 38.65
C LEU F 99 -0.80 18.23 37.42
N HIS F 100 -1.75 17.27 37.47
CA HIS F 100 -2.63 17.02 36.33
C HIS F 100 -3.35 18.31 35.98
N ALA F 101 -3.95 18.92 37.00
CA ALA F 101 -4.69 20.15 36.85
C ALA F 101 -3.87 21.14 36.06
N MET F 102 -2.72 21.47 36.63
CA MET F 102 -1.80 22.41 36.02
C MET F 102 -1.46 22.09 34.56
N LEU F 103 -1.33 20.80 34.25
CA LEU F 103 -0.99 20.38 32.90
C LEU F 103 -2.26 20.12 32.09
N ASP F 104 -3.40 20.30 32.74
CA ASP F 104 -4.70 20.08 32.12
C ASP F 104 -4.75 18.63 31.62
N VAL F 105 -5.12 17.73 32.53
CA VAL F 105 -5.19 16.31 32.23
C VAL F 105 -6.48 15.68 32.75
N LYS F 106 -7.28 15.18 31.82
CA LYS F 106 -8.54 14.51 32.13
C LYS F 106 -8.29 13.21 32.91
#